data_5HGH
#
_entry.id   5HGH
#
_cell.length_a   161.735
_cell.length_b   65.062
_cell.length_c   50.415
_cell.angle_alpha   90.00
_cell.angle_beta   90.23
_cell.angle_gamma   90.00
#
_symmetry.space_group_name_H-M   'C 1 2 1'
#
loop_
_entity.id
_entity.type
_entity.pdbx_description
1 polymer 'HLA class I histocompatibility antigen, A-24 alpha chain'
2 polymer Beta-2-microglobulin
3 polymer 'Protein Nef'
4 water water
#
loop_
_entity_poly.entity_id
_entity_poly.type
_entity_poly.pdbx_seq_one_letter_code
_entity_poly.pdbx_strand_id
1 'polypeptide(L)'
;MGSHSMRYFSTSVSRPGRGEPRFIAVGYVDDTQFVRFDSDAASQRMEPRAPWIEQEGPEYWDEETGKVKAHSQTDRENLR
IALRYYNQSEAGSHTLQMMFGCDVGSDGRFLRGYHQYAYDGKDYIALKEDLRSWTAADMAAQITKRKWEAAHVAEQQRAY
LEGTCVDGLRRYLENGKETLQRTDPPKTHMTHHPISDHEATLRCWALGFYPAEITLTWQRDGEDQTQDTELVETRPAGDG
TFQKWAAVVVPSGEEQRYTCHVQHEGLPKPLTLRW
;
A
2 'polypeptide(L)'
;MIQRTPKIQVYSRHPAENGKSNFLNCYVSGFHPSDIEVDLLKNGERIEKVEHSDLSFSKDWSFYLLYYTEFTPTEKDEYA
CRVNHVTLSQPKIVKWDRDM
;
B
3 'polypeptide(L)' RYPLTFGWCF C
#
# COMPACT_ATOMS: atom_id res chain seq x y z
N GLY A 2 -7.13 -11.71 -16.96
CA GLY A 2 -5.85 -11.05 -17.15
C GLY A 2 -4.78 -11.59 -16.24
N SER A 3 -3.71 -10.82 -16.06
CA SER A 3 -2.61 -11.22 -15.19
C SER A 3 -3.00 -11.09 -13.72
N HIS A 4 -2.23 -11.74 -12.86
CA HIS A 4 -2.46 -11.68 -11.42
C HIS A 4 -1.14 -11.76 -10.67
N SER A 5 -1.16 -11.37 -9.40
CA SER A 5 0.05 -11.38 -8.60
C SER A 5 -0.23 -11.85 -7.18
N MET A 6 0.80 -12.45 -6.57
CA MET A 6 0.79 -12.68 -5.14
C MET A 6 1.98 -11.92 -4.58
N ARG A 7 1.79 -11.27 -3.44
CA ARG A 7 2.88 -10.49 -2.86
C ARG A 7 2.85 -10.57 -1.33
N TYR A 8 4.01 -10.71 -0.73
CA TYR A 8 4.15 -10.62 0.72
C TYR A 8 5.04 -9.42 1.09
N PHE A 9 4.53 -8.57 1.97
CA PHE A 9 5.28 -7.42 2.45
C PHE A 9 5.54 -7.54 3.95
N SER A 10 6.79 -7.45 4.36
CA SER A 10 7.13 -7.48 5.78
C SER A 10 7.95 -6.27 6.20
N THR A 11 7.65 -5.75 7.38
CA THR A 11 8.35 -4.60 7.91
C THR A 11 8.87 -4.86 9.33
N SER A 12 10.18 -4.75 9.50
CA SER A 12 10.79 -4.91 10.82
C SER A 12 11.34 -3.58 11.31
N VAL A 13 10.97 -3.19 12.51
CA VAL A 13 11.39 -1.90 13.06
C VAL A 13 11.99 -2.05 14.44
N SER A 14 13.27 -1.73 14.56
CA SER A 14 13.96 -1.82 15.85
C SER A 14 13.51 -0.71 16.80
N ARG A 15 13.41 -1.05 18.08
CA ARG A 15 12.97 -0.11 19.11
C ARG A 15 13.92 -0.14 20.30
N PRO A 16 15.08 0.54 20.16
CA PRO A 16 16.10 0.53 21.22
C PRO A 16 15.53 0.95 22.58
N GLY A 17 15.81 0.14 23.60
CA GLY A 17 15.33 0.43 24.93
C GLY A 17 13.82 0.35 25.03
N ARG A 18 13.22 -0.46 24.16
CA ARG A 18 11.78 -0.70 24.18
C ARG A 18 11.46 -2.13 23.78
N GLY A 19 12.43 -3.02 23.93
CA GLY A 19 12.24 -4.43 23.66
C GLY A 19 12.61 -4.85 22.25
N GLU A 20 12.12 -6.02 21.85
CA GLU A 20 12.44 -6.57 20.53
C GLU A 20 11.87 -5.71 19.41
N PRO A 21 12.45 -5.84 18.21
CA PRO A 21 11.95 -5.15 17.01
C PRO A 21 10.53 -5.59 16.69
N ARG A 22 9.73 -4.67 16.18
CA ARG A 22 8.35 -4.96 15.81
C ARG A 22 8.32 -5.50 14.38
N PHE A 23 7.61 -6.60 14.18
CA PHE A 23 7.53 -7.23 12.86
C PHE A 23 6.10 -7.33 12.37
N ILE A 24 5.84 -6.80 11.19
CA ILE A 24 4.51 -6.84 10.59
C ILE A 24 4.58 -7.34 9.16
N ALA A 25 3.88 -8.44 8.89
CA ALA A 25 3.83 -8.99 7.54
C ALA A 25 2.39 -9.02 7.03
N VAL A 26 2.21 -8.74 5.75
CA VAL A 26 0.89 -8.83 5.13
C VAL A 26 0.97 -9.56 3.80
N GLY A 27 -0.13 -10.20 3.43
CA GLY A 27 -0.18 -10.94 2.19
C GLY A 27 -1.25 -10.41 1.26
N TYR A 28 -0.91 -10.31 -0.03
CA TYR A 28 -1.82 -9.80 -1.03
C TYR A 28 -1.92 -10.72 -2.24
N VAL A 29 -3.12 -10.83 -2.77
CA VAL A 29 -3.31 -11.34 -4.12
C VAL A 29 -3.88 -10.15 -4.89
N ASP A 30 -3.13 -9.67 -5.88
CA ASP A 30 -3.51 -8.44 -6.55
C ASP A 30 -3.68 -7.32 -5.52
N ASP A 31 -4.79 -6.60 -5.59
CA ASP A 31 -5.03 -5.49 -4.66
C ASP A 31 -5.91 -5.88 -3.48
N THR A 32 -6.01 -7.19 -3.22
CA THR A 32 -6.78 -7.67 -2.08
C THR A 32 -5.88 -8.36 -1.06
N GLN A 33 -5.90 -7.87 0.17
CA GLN A 33 -5.14 -8.48 1.25
C GLN A 33 -5.87 -9.71 1.76
N PHE A 34 -5.12 -10.76 2.09
CA PHE A 34 -5.75 -11.99 2.56
C PHE A 34 -5.21 -12.53 3.89
N VAL A 35 -4.01 -12.12 4.27
CA VAL A 35 -3.43 -12.53 5.56
C VAL A 35 -2.59 -11.43 6.19
N ARG A 36 -2.32 -11.58 7.49
CA ARG A 36 -1.43 -10.66 8.20
C ARG A 36 -0.76 -11.38 9.36
N PHE A 37 0.36 -10.82 9.80
CA PHE A 37 0.99 -11.26 11.04
C PHE A 37 1.53 -10.04 11.77
N ASP A 38 1.43 -10.06 13.10
CA ASP A 38 1.87 -8.95 13.90
C ASP A 38 2.49 -9.44 15.20
N SER A 39 3.78 -9.18 15.38
CA SER A 39 4.52 -9.70 16.53
C SER A 39 4.08 -9.07 17.84
N ASP A 40 3.30 -8.00 17.76
CA ASP A 40 2.80 -7.31 18.94
C ASP A 40 1.37 -7.71 19.28
N ALA A 41 0.80 -8.60 18.48
CA ALA A 41 -0.55 -9.07 18.73
C ALA A 41 -0.54 -10.32 19.61
N ALA A 42 -1.66 -10.62 20.24
CA ALA A 42 -1.75 -11.72 21.20
C ALA A 42 -1.84 -13.09 20.52
N SER A 43 -2.58 -13.17 19.42
CA SER A 43 -2.77 -14.44 18.73
C SER A 43 -1.43 -15.09 18.37
N GLN A 44 -0.48 -14.27 17.93
CA GLN A 44 0.86 -14.75 17.59
C GLN A 44 0.80 -15.74 16.44
N ARG A 45 -0.15 -15.52 15.53
CA ARG A 45 -0.34 -16.39 14.38
C ARG A 45 -0.60 -15.60 13.11
N MET A 46 -0.44 -16.26 11.96
CA MET A 46 -0.91 -15.71 10.70
C MET A 46 -2.42 -15.72 10.74
N GLU A 47 -3.02 -14.54 10.56
CA GLU A 47 -4.48 -14.41 10.62
C GLU A 47 -5.07 -14.16 9.24
N PRO A 48 -6.26 -14.73 8.99
CA PRO A 48 -6.99 -14.49 7.74
C PRO A 48 -7.52 -13.06 7.69
N ARG A 49 -7.42 -12.41 6.54
CA ARG A 49 -7.93 -11.06 6.38
C ARG A 49 -8.82 -10.93 5.15
N ALA A 50 -9.11 -12.08 4.54
CA ALA A 50 -10.08 -12.18 3.45
C ALA A 50 -10.93 -13.43 3.65
N PRO A 51 -12.20 -13.38 3.25
CA PRO A 51 -13.14 -14.50 3.41
C PRO A 51 -12.67 -15.79 2.75
N TRP A 52 -12.15 -15.69 1.53
CA TRP A 52 -11.83 -16.88 0.75
C TRP A 52 -10.59 -17.64 1.23
N ILE A 53 -9.94 -17.14 2.28
CA ILE A 53 -8.77 -17.82 2.82
C ILE A 53 -9.13 -18.59 4.09
N GLU A 54 -10.33 -18.34 4.61
CA GLU A 54 -10.81 -19.03 5.81
C GLU A 54 -10.92 -20.52 5.55
N GLN A 55 -11.24 -20.88 4.31
CA GLN A 55 -11.50 -22.26 3.93
C GLN A 55 -10.24 -23.11 3.92
N GLU A 56 -9.12 -22.52 4.35
CA GLU A 56 -7.87 -23.26 4.47
C GLU A 56 -7.85 -24.02 5.80
N GLY A 57 -7.31 -25.23 5.77
CA GLY A 57 -7.27 -26.08 6.95
C GLY A 57 -6.25 -25.65 7.98
N PRO A 58 -6.30 -26.26 9.17
CA PRO A 58 -5.40 -25.95 10.29
C PRO A 58 -3.93 -26.11 9.92
N GLU A 59 -3.62 -27.07 9.07
CA GLU A 59 -2.24 -27.26 8.63
C GLU A 59 -1.69 -25.99 8.02
N TYR A 60 -2.40 -25.47 7.03
CA TYR A 60 -2.03 -24.23 6.36
C TYR A 60 -1.67 -23.14 7.35
N TRP A 61 -2.55 -22.91 8.32
CA TRP A 61 -2.33 -21.88 9.32
C TRP A 61 -1.15 -22.19 10.24
N ASP A 62 -0.93 -23.48 10.49
CA ASP A 62 0.24 -23.92 11.23
C ASP A 62 1.52 -23.61 10.44
N GLU A 63 1.55 -24.05 9.19
CA GLU A 63 2.71 -23.87 8.32
C GLU A 63 3.04 -22.40 8.10
N GLU A 64 2.03 -21.63 7.68
CA GLU A 64 2.21 -20.22 7.44
C GLU A 64 2.68 -19.48 8.69
N THR A 65 2.10 -19.82 9.84
CA THR A 65 2.49 -19.20 11.10
C THR A 65 3.96 -19.44 11.42
N GLY A 66 4.40 -20.68 11.21
CA GLY A 66 5.79 -21.03 11.48
C GLY A 66 6.76 -20.27 10.60
N LYS A 67 6.47 -20.25 9.30
CA LYS A 67 7.33 -19.55 8.36
C LYS A 67 7.48 -18.07 8.68
N VAL A 68 6.36 -17.38 8.87
CA VAL A 68 6.39 -15.94 9.15
C VAL A 68 7.02 -15.61 10.50
N LYS A 69 6.85 -16.49 11.48
CA LYS A 69 7.51 -16.32 12.77
C LYS A 69 9.00 -16.55 12.63
N ALA A 70 9.38 -17.57 11.85
CA ALA A 70 10.79 -17.84 11.60
C ALA A 70 11.43 -16.64 10.91
N HIS A 71 10.72 -16.07 9.94
CA HIS A 71 11.24 -14.92 9.18
C HIS A 71 11.42 -13.69 10.05
N SER A 72 10.54 -13.49 11.02
CA SER A 72 10.65 -12.35 11.91
C SER A 72 11.94 -12.43 12.73
N GLN A 73 12.33 -13.64 13.12
CA GLN A 73 13.53 -13.86 13.90
C GLN A 73 14.81 -13.63 13.10
N THR A 74 14.80 -14.07 11.84
CA THR A 74 15.98 -13.88 10.98
C THR A 74 16.16 -12.42 10.54
N ASP A 75 15.06 -11.72 10.31
CA ASP A 75 15.13 -10.29 10.02
C ASP A 75 15.47 -9.51 11.27
N ARG A 76 15.10 -10.07 12.42
CA ARG A 76 15.49 -9.49 13.70
C ARG A 76 17.01 -9.48 13.78
N GLU A 77 17.60 -10.62 13.41
CA GLU A 77 19.05 -10.77 13.44
C GLU A 77 19.69 -9.93 12.34
N ASN A 78 19.02 -9.85 11.19
CA ASN A 78 19.51 -9.06 10.06
C ASN A 78 19.63 -7.59 10.42
N LEU A 79 18.74 -7.11 11.28
CA LEU A 79 18.83 -5.75 11.78
C LEU A 79 20.11 -5.56 12.58
N ARG A 80 20.46 -6.57 13.36
CA ARG A 80 21.69 -6.55 14.14
C ARG A 80 22.90 -6.52 13.19
N ILE A 81 22.90 -7.42 12.22
CA ILE A 81 23.96 -7.52 11.24
C ILE A 81 24.13 -6.23 10.44
N ALA A 82 23.02 -5.56 10.14
CA ALA A 82 23.05 -4.32 9.37
C ALA A 82 23.74 -3.22 10.16
N LEU A 83 23.49 -3.17 11.46
CA LEU A 83 24.15 -2.20 12.32
C LEU A 83 25.66 -2.31 12.19
N ARG A 84 26.12 -3.55 12.09
CA ARG A 84 27.54 -3.83 11.96
C ARG A 84 28.06 -3.31 10.62
N TYR A 85 27.41 -3.73 9.54
CA TYR A 85 27.85 -3.38 8.19
C TYR A 85 27.94 -1.87 7.96
N TYR A 86 27.00 -1.13 8.53
CA TYR A 86 26.95 0.31 8.34
C TYR A 86 27.58 1.06 9.52
N ASN A 87 28.14 0.30 10.45
CA ASN A 87 28.76 0.89 11.64
C ASN A 87 27.83 1.90 12.31
N GLN A 88 26.62 1.45 12.64
CA GLN A 88 25.64 2.31 13.29
C GLN A 88 25.45 1.91 14.75
N SER A 89 25.08 2.88 15.58
CA SER A 89 24.87 2.62 17.01
C SER A 89 23.57 1.85 17.23
N GLU A 90 23.49 1.16 18.36
CA GLU A 90 22.29 0.40 18.69
C GLU A 90 21.30 1.23 19.50
N ALA A 91 21.44 2.55 19.41
CA ALA A 91 20.55 3.47 20.11
C ALA A 91 19.47 4.02 19.18
N GLY A 92 19.70 3.88 17.88
CA GLY A 92 18.76 4.39 16.88
C GLY A 92 17.81 3.34 16.36
N SER A 93 16.70 3.79 15.77
CA SER A 93 15.70 2.90 15.22
C SER A 93 15.91 2.71 13.71
N HIS A 94 15.85 1.46 13.25
CA HIS A 94 16.03 1.17 11.84
C HIS A 94 14.95 0.26 11.28
N THR A 95 14.83 0.25 9.95
CA THR A 95 13.78 -0.48 9.27
C THR A 95 14.32 -1.48 8.27
N LEU A 96 13.73 -2.68 8.26
CA LEU A 96 14.06 -3.68 7.26
C LEU A 96 12.79 -4.14 6.56
N GLN A 97 12.69 -3.81 5.27
CA GLN A 97 11.51 -4.15 4.49
C GLN A 97 11.81 -5.28 3.50
N MET A 98 10.79 -6.08 3.23
CA MET A 98 10.96 -7.22 2.34
C MET A 98 9.71 -7.41 1.48
N MET A 99 9.92 -7.58 0.18
CA MET A 99 8.83 -7.96 -0.71
C MET A 99 9.17 -9.29 -1.39
N PHE A 100 8.16 -10.13 -1.53
CA PHE A 100 8.33 -11.43 -2.16
C PHE A 100 7.03 -11.80 -2.87
N GLY A 101 7.14 -12.38 -4.06
CA GLY A 101 5.96 -12.81 -4.78
C GLY A 101 6.21 -13.13 -6.24
N CYS A 102 5.13 -13.39 -6.97
CA CYS A 102 5.22 -13.82 -8.35
C CYS A 102 4.05 -13.30 -9.17
N ASP A 103 4.22 -13.26 -10.48
CA ASP A 103 3.16 -12.86 -11.40
C ASP A 103 2.79 -14.03 -12.30
N VAL A 104 1.52 -14.15 -12.64
CA VAL A 104 1.07 -15.13 -13.63
C VAL A 104 0.14 -14.49 -14.64
N GLY A 105 0.17 -15.00 -15.87
CA GLY A 105 -0.69 -14.48 -16.93
C GLY A 105 -2.11 -15.01 -16.81
N SER A 106 -2.91 -14.75 -17.84
CA SER A 106 -4.29 -15.23 -17.87
C SER A 106 -4.35 -16.75 -17.80
N ASP A 107 -3.39 -17.39 -18.46
CA ASP A 107 -3.35 -18.85 -18.52
C ASP A 107 -2.74 -19.46 -17.25
N GLY A 108 -2.54 -18.62 -16.23
CA GLY A 108 -2.00 -19.07 -14.97
C GLY A 108 -0.50 -19.37 -15.04
N ARG A 109 0.09 -19.11 -16.20
CA ARG A 109 1.50 -19.39 -16.41
C ARG A 109 2.39 -18.32 -15.77
N PHE A 110 3.55 -18.75 -15.28
CA PHE A 110 4.50 -17.86 -14.61
C PHE A 110 5.00 -16.75 -15.52
N LEU A 111 5.03 -15.53 -14.99
CA LEU A 111 5.53 -14.37 -15.72
C LEU A 111 6.79 -13.79 -15.10
N ARG A 112 6.77 -13.61 -13.78
CA ARG A 112 7.80 -12.85 -13.09
C ARG A 112 7.85 -13.23 -11.61
N GLY A 113 9.03 -13.11 -11.01
CA GLY A 113 9.20 -13.37 -9.59
C GLY A 113 9.96 -12.26 -8.90
N TYR A 114 9.72 -12.08 -7.60
CA TYR A 114 10.38 -11.03 -6.84
C TYR A 114 10.86 -11.47 -5.46
N HIS A 115 12.05 -11.02 -5.10
CA HIS A 115 12.59 -11.19 -3.76
C HIS A 115 13.49 -10.00 -3.47
N GLN A 116 13.01 -9.08 -2.64
CA GLN A 116 13.67 -7.81 -2.44
C GLN A 116 13.72 -7.35 -0.97
N TYR A 117 14.81 -6.68 -0.62
CA TYR A 117 15.00 -6.11 0.71
C TYR A 117 15.29 -4.62 0.63
N ALA A 118 14.90 -3.89 1.67
CA ALA A 118 15.22 -2.47 1.78
C ALA A 118 15.58 -2.11 3.22
N TYR A 119 16.70 -1.43 3.40
CA TYR A 119 17.14 -0.99 4.72
C TYR A 119 16.98 0.52 4.86
N ASP A 120 16.21 0.93 5.86
CA ASP A 120 15.96 2.34 6.10
C ASP A 120 15.36 3.03 4.88
N GLY A 121 14.48 2.33 4.16
CA GLY A 121 13.75 2.92 3.07
C GLY A 121 14.42 2.88 1.71
N LYS A 122 15.62 2.31 1.65
CA LYS A 122 16.36 2.27 0.38
C LYS A 122 16.83 0.86 0.03
N ASP A 123 16.95 0.60 -1.27
CA ASP A 123 17.39 -0.69 -1.78
C ASP A 123 18.57 -1.25 -0.98
N TYR A 124 18.48 -2.54 -0.66
CA TYR A 124 19.61 -3.24 -0.07
C TYR A 124 20.09 -4.32 -1.04
N ILE A 125 19.36 -5.43 -1.10
CA ILE A 125 19.64 -6.48 -2.08
C ILE A 125 18.35 -6.95 -2.74
N ALA A 126 18.45 -7.41 -3.99
CA ALA A 126 17.29 -7.90 -4.71
C ALA A 126 17.64 -8.97 -5.74
N LEU A 127 16.72 -9.90 -5.95
CA LEU A 127 16.88 -10.93 -6.96
C LEU A 127 16.51 -10.35 -8.31
N LYS A 128 17.46 -10.38 -9.25
CA LYS A 128 17.22 -9.84 -10.59
C LYS A 128 16.11 -10.60 -11.31
N GLU A 129 15.63 -10.02 -12.40
CA GLU A 129 14.51 -10.59 -13.13
C GLU A 129 14.78 -12.03 -13.59
N ASP A 130 16.04 -12.33 -13.88
CA ASP A 130 16.38 -13.68 -14.35
C ASP A 130 16.45 -14.68 -13.20
N LEU A 131 16.25 -14.20 -11.98
CA LEU A 131 16.24 -15.05 -10.79
C LEU A 131 17.47 -15.93 -10.69
N ARG A 132 18.59 -15.44 -11.22
CA ARG A 132 19.85 -16.17 -11.18
C ARG A 132 20.92 -15.40 -10.43
N SER A 133 20.72 -14.09 -10.30
CA SER A 133 21.73 -13.21 -9.73
C SER A 133 21.11 -12.12 -8.88
N TRP A 134 21.93 -11.49 -8.05
CA TRP A 134 21.45 -10.48 -7.11
C TRP A 134 21.90 -9.08 -7.49
N THR A 135 21.11 -8.09 -7.09
CA THR A 135 21.47 -6.68 -7.24
C THR A 135 21.81 -6.09 -5.88
N ALA A 136 23.10 -5.89 -5.62
CA ALA A 136 23.54 -5.24 -4.40
C ALA A 136 23.50 -3.73 -4.59
N ALA A 137 22.83 -3.03 -3.67
CA ALA A 137 22.66 -1.59 -3.77
C ALA A 137 23.90 -0.83 -3.33
N ASP A 138 24.62 -1.38 -2.36
CA ASP A 138 25.80 -0.70 -1.84
C ASP A 138 26.87 -1.68 -1.34
N MET A 139 27.92 -1.13 -0.73
CA MET A 139 29.06 -1.90 -0.26
C MET A 139 28.64 -2.95 0.76
N ALA A 140 27.70 -2.60 1.62
CA ALA A 140 27.23 -3.50 2.65
C ALA A 140 26.45 -4.67 2.06
N ALA A 141 25.50 -4.36 1.20
CA ALA A 141 24.67 -5.38 0.57
C ALA A 141 25.50 -6.38 -0.24
N GLN A 142 26.68 -5.95 -0.68
CA GLN A 142 27.57 -6.82 -1.45
C GLN A 142 28.10 -7.98 -0.61
N ILE A 143 28.28 -7.74 0.69
CA ILE A 143 28.71 -8.79 1.60
C ILE A 143 27.64 -9.87 1.68
N THR A 144 26.39 -9.43 1.81
CA THR A 144 25.26 -10.34 1.83
C THR A 144 25.15 -11.07 0.50
N LYS A 145 25.39 -10.33 -0.58
CA LYS A 145 25.31 -10.90 -1.92
C LYS A 145 26.28 -12.07 -2.10
N ARG A 146 27.49 -11.93 -1.57
CA ARG A 146 28.47 -13.00 -1.63
C ARG A 146 28.03 -14.21 -0.81
N LYS A 147 27.46 -13.95 0.37
CA LYS A 147 26.94 -15.02 1.21
C LYS A 147 25.84 -15.78 0.48
N TRP A 148 24.88 -15.03 -0.07
CA TRP A 148 23.74 -15.63 -0.75
C TRP A 148 24.15 -16.38 -2.01
N GLU A 149 25.25 -15.93 -2.63
CA GLU A 149 25.79 -16.64 -3.77
C GLU A 149 26.41 -17.96 -3.33
N ALA A 150 27.14 -17.91 -2.22
CA ALA A 150 27.81 -19.10 -1.70
C ALA A 150 26.80 -20.14 -1.24
N ALA A 151 25.71 -19.68 -0.63
CA ALA A 151 24.70 -20.59 -0.07
C ALA A 151 23.65 -20.99 -1.09
N HIS A 152 23.77 -20.48 -2.32
CA HIS A 152 22.86 -20.84 -3.40
C HIS A 152 21.41 -20.45 -3.12
N VAL A 153 21.22 -19.31 -2.47
CA VAL A 153 19.89 -18.84 -2.15
C VAL A 153 19.05 -18.59 -3.40
N ALA A 154 19.71 -18.11 -4.46
CA ALA A 154 19.00 -17.74 -5.68
C ALA A 154 18.29 -18.92 -6.35
N GLU A 155 18.97 -20.05 -6.46
CA GLU A 155 18.37 -21.22 -7.10
C GLU A 155 17.19 -21.77 -6.27
N GLN A 156 17.29 -21.65 -4.96
CA GLN A 156 16.22 -22.09 -4.07
C GLN A 156 14.99 -21.21 -4.25
N GLN A 157 15.19 -19.91 -4.20
CA GLN A 157 14.10 -18.96 -4.35
C GLN A 157 13.48 -19.00 -5.75
N ARG A 158 14.31 -19.17 -6.77
CA ARG A 158 13.81 -19.27 -8.13
C ARG A 158 12.78 -20.39 -8.27
N ALA A 159 13.18 -21.60 -7.89
CA ALA A 159 12.29 -22.75 -7.94
C ALA A 159 10.99 -22.49 -7.20
N TYR A 160 11.10 -21.85 -6.04
CA TYR A 160 9.94 -21.56 -5.20
C TYR A 160 9.01 -20.56 -5.90
N LEU A 161 9.61 -19.60 -6.58
CA LEU A 161 8.85 -18.55 -7.26
C LEU A 161 8.11 -19.09 -8.48
N GLU A 162 8.79 -19.94 -9.26
CA GLU A 162 8.21 -20.49 -10.47
C GLU A 162 7.33 -21.70 -10.16
N GLY A 163 7.43 -22.21 -8.95
CA GLY A 163 6.69 -23.40 -8.56
C GLY A 163 5.68 -23.12 -7.46
N THR A 164 6.12 -23.28 -6.21
CA THR A 164 5.26 -23.08 -5.05
C THR A 164 4.43 -21.80 -5.12
N CYS A 165 5.04 -20.71 -5.58
CA CYS A 165 4.34 -19.43 -5.61
C CYS A 165 3.21 -19.40 -6.64
N VAL A 166 3.51 -19.82 -7.86
CA VAL A 166 2.48 -19.79 -8.91
C VAL A 166 1.40 -20.82 -8.63
N ASP A 167 1.77 -21.92 -8.00
CA ASP A 167 0.80 -22.95 -7.62
C ASP A 167 -0.10 -22.42 -6.52
N GLY A 168 0.50 -21.75 -5.54
CA GLY A 168 -0.26 -21.14 -4.48
C GLY A 168 -1.18 -20.05 -5.02
N LEU A 169 -0.65 -19.27 -5.96
CA LEU A 169 -1.44 -18.21 -6.56
C LEU A 169 -2.62 -18.79 -7.31
N ARG A 170 -2.37 -19.85 -8.09
CA ARG A 170 -3.45 -20.51 -8.83
C ARG A 170 -4.55 -21.01 -7.88
N ARG A 171 -4.17 -21.55 -6.74
CA ARG A 171 -5.15 -22.05 -5.78
C ARG A 171 -5.96 -20.90 -5.17
N TYR A 172 -5.28 -19.84 -4.74
CA TYR A 172 -5.95 -18.71 -4.12
C TYR A 172 -6.99 -18.09 -5.04
N LEU A 173 -6.66 -17.95 -6.33
CA LEU A 173 -7.58 -17.39 -7.30
C LEU A 173 -8.85 -18.21 -7.39
N GLU A 174 -8.70 -19.53 -7.55
CA GLU A 174 -9.85 -20.43 -7.58
C GLU A 174 -10.72 -20.26 -6.35
N ASN A 175 -10.10 -20.30 -5.17
CA ASN A 175 -10.84 -20.16 -3.92
C ASN A 175 -11.51 -18.80 -3.77
N GLY A 176 -10.82 -17.76 -4.24
CA GLY A 176 -11.36 -16.40 -4.20
C GLY A 176 -11.97 -15.99 -5.51
N LYS A 177 -12.38 -16.99 -6.30
CA LYS A 177 -12.90 -16.81 -7.64
C LYS A 177 -13.90 -15.66 -7.78
N GLU A 178 -15.03 -15.77 -7.08
CA GLU A 178 -16.12 -14.81 -7.24
C GLU A 178 -15.75 -13.41 -6.75
N THR A 179 -14.53 -13.27 -6.23
CA THR A 179 -14.10 -12.01 -5.64
C THR A 179 -12.83 -11.44 -6.28
N LEU A 180 -11.94 -12.34 -6.73
CA LEU A 180 -10.66 -11.93 -7.29
C LEU A 180 -10.71 -11.75 -8.80
N GLN A 181 -11.57 -12.52 -9.47
CA GLN A 181 -11.76 -12.37 -10.91
C GLN A 181 -12.61 -11.14 -11.21
N ARG A 182 -13.10 -10.51 -10.15
CA ARG A 182 -13.93 -9.31 -10.24
C ARG A 182 -13.19 -8.13 -10.87
N THR A 183 -13.91 -7.34 -11.67
CA THR A 183 -13.37 -6.11 -12.22
C THR A 183 -14.44 -5.00 -12.21
N ASP A 184 -14.29 -4.07 -11.27
CA ASP A 184 -15.28 -3.02 -11.09
C ASP A 184 -14.88 -1.72 -11.79
N PRO A 185 -15.72 -1.24 -12.72
CA PRO A 185 -15.43 0.01 -13.43
C PRO A 185 -15.64 1.20 -12.50
N PRO A 186 -14.87 2.28 -12.71
CA PRO A 186 -15.03 3.47 -11.87
C PRO A 186 -16.28 4.25 -12.21
N LYS A 187 -17.01 4.70 -11.18
CA LYS A 187 -18.05 5.68 -11.37
C LYS A 187 -17.39 7.04 -11.42
N THR A 188 -17.63 7.78 -12.49
CA THR A 188 -16.98 9.08 -12.66
C THR A 188 -17.94 10.24 -12.53
N HIS A 189 -17.43 11.37 -12.05
CA HIS A 189 -18.18 12.61 -12.01
C HIS A 189 -17.22 13.78 -11.87
N MET A 190 -17.73 14.99 -11.99
CA MET A 190 -16.89 16.16 -11.98
C MET A 190 -17.38 17.16 -10.95
N THR A 191 -16.44 17.80 -10.25
CA THR A 191 -16.78 18.89 -9.35
C THR A 191 -16.19 20.19 -9.87
N HIS A 192 -16.72 21.31 -9.39
CA HIS A 192 -16.37 22.61 -9.92
C HIS A 192 -16.49 23.67 -8.83
N HIS A 193 -15.39 24.36 -8.56
CA HIS A 193 -15.37 25.38 -7.51
C HIS A 193 -14.55 26.61 -7.89
N PRO A 194 -15.19 27.78 -7.88
CA PRO A 194 -14.49 29.05 -8.10
C PRO A 194 -13.39 29.28 -7.06
N ILE A 195 -12.16 29.41 -7.52
CA ILE A 195 -11.03 29.74 -6.64
C ILE A 195 -11.01 31.23 -6.33
N SER A 196 -11.41 32.03 -7.31
CA SER A 196 -11.61 33.47 -7.13
C SER A 196 -12.48 33.96 -8.28
N ASP A 197 -12.41 35.25 -8.58
CA ASP A 197 -13.30 35.83 -9.58
C ASP A 197 -12.91 35.61 -11.04
N HIS A 198 -11.76 34.98 -11.26
CA HIS A 198 -11.26 34.73 -12.60
C HIS A 198 -10.71 33.32 -12.78
N GLU A 199 -10.83 32.51 -11.73
CA GLU A 199 -10.31 31.13 -11.77
C GLU A 199 -11.20 30.16 -11.01
N ALA A 200 -11.25 28.93 -11.50
CA ALA A 200 -12.04 27.87 -10.89
C ALA A 200 -11.25 26.57 -10.88
N THR A 201 -11.69 25.63 -10.06
CA THR A 201 -11.08 24.32 -10.00
C THR A 201 -11.99 23.28 -10.63
N LEU A 202 -11.46 22.53 -11.58
CA LEU A 202 -12.17 21.36 -12.10
C LEU A 202 -11.51 20.11 -11.55
N ARG A 203 -12.28 19.30 -10.85
CA ARG A 203 -11.74 18.06 -10.28
C ARG A 203 -12.44 16.85 -10.87
N CYS A 204 -11.65 15.95 -11.44
CA CYS A 204 -12.17 14.75 -12.09
C CYS A 204 -12.09 13.55 -11.15
N TRP A 205 -13.26 12.95 -10.89
CA TRP A 205 -13.39 11.89 -9.90
C TRP A 205 -13.57 10.50 -10.49
N ALA A 206 -12.93 9.53 -9.85
CA ALA A 206 -13.13 8.11 -10.17
C ALA A 206 -13.34 7.33 -8.88
N LEU A 207 -14.47 6.64 -8.78
CA LEU A 207 -14.84 5.99 -7.52
C LEU A 207 -15.29 4.54 -7.69
N GLY A 208 -15.11 3.75 -6.64
CA GLY A 208 -15.62 2.40 -6.58
C GLY A 208 -15.11 1.45 -7.64
N PHE A 209 -13.84 1.57 -7.98
CA PHE A 209 -13.24 0.71 -9.00
C PHE A 209 -12.27 -0.32 -8.42
N TYR A 210 -12.10 -1.42 -9.14
CA TYR A 210 -11.14 -2.45 -8.81
C TYR A 210 -10.75 -3.18 -10.10
N PRO A 211 -9.44 -3.43 -10.30
CA PRO A 211 -8.32 -3.15 -9.39
C PRO A 211 -7.96 -1.67 -9.28
N ALA A 212 -6.93 -1.38 -8.51
CA ALA A 212 -6.53 0.00 -8.23
C ALA A 212 -5.92 0.71 -9.44
N GLU A 213 -5.23 -0.05 -10.29
CA GLU A 213 -4.60 0.53 -11.47
C GLU A 213 -5.58 1.38 -12.28
N ILE A 214 -5.22 2.62 -12.51
CA ILE A 214 -6.08 3.55 -13.25
C ILE A 214 -5.27 4.75 -13.75
N THR A 215 -5.76 5.41 -14.78
CA THR A 215 -5.11 6.62 -15.30
C THR A 215 -6.09 7.77 -15.52
N LEU A 216 -5.85 8.88 -14.83
CA LEU A 216 -6.66 10.08 -15.01
C LEU A 216 -5.82 11.17 -15.66
N THR A 217 -6.28 11.67 -16.79
CA THR A 217 -5.52 12.65 -17.55
C THR A 217 -6.34 13.89 -17.91
N TRP A 218 -5.74 15.06 -17.71
CA TRP A 218 -6.36 16.31 -18.13
C TRP A 218 -5.75 16.78 -19.45
N GLN A 219 -6.61 17.14 -20.38
CA GLN A 219 -6.18 17.75 -21.63
C GLN A 219 -6.78 19.14 -21.77
N ARG A 220 -6.05 20.02 -22.43
CA ARG A 220 -6.60 21.34 -22.75
C ARG A 220 -6.53 21.55 -24.26
N ASP A 221 -7.70 21.72 -24.86
CA ASP A 221 -7.80 21.80 -26.32
C ASP A 221 -7.14 20.58 -26.95
N GLY A 222 -7.44 19.41 -26.39
CA GLY A 222 -6.96 18.15 -26.92
C GLY A 222 -5.49 17.87 -26.69
N GLU A 223 -4.89 18.57 -25.73
CA GLU A 223 -3.47 18.40 -25.47
C GLU A 223 -3.21 18.17 -23.98
N ASP A 224 -2.48 17.10 -23.66
CA ASP A 224 -2.21 16.75 -22.26
C ASP A 224 -1.75 17.94 -21.43
N GLN A 225 -2.40 18.13 -20.29
CA GLN A 225 -2.11 19.25 -19.40
C GLN A 225 -1.38 18.76 -18.15
N THR A 226 -0.33 17.99 -18.36
CA THR A 226 0.41 17.38 -17.26
C THR A 226 0.96 18.17 -16.07
N GLN A 227 1.90 19.07 -16.34
CA GLN A 227 2.62 19.82 -15.30
C GLN A 227 1.63 20.51 -14.36
N ASP A 228 0.66 21.22 -14.93
CA ASP A 228 -0.21 22.09 -14.13
C ASP A 228 -1.27 21.36 -13.30
N THR A 229 -1.35 20.03 -13.46
CA THR A 229 -2.38 19.24 -12.80
C THR A 229 -2.03 18.91 -11.35
N GLU A 230 -3.06 18.67 -10.54
CA GLU A 230 -2.85 18.03 -9.25
C GLU A 230 -3.47 16.64 -9.26
N LEU A 231 -2.70 15.64 -8.82
CA LEU A 231 -3.10 14.25 -8.91
C LEU A 231 -2.79 13.55 -7.59
N VAL A 232 -3.83 13.11 -6.89
CA VAL A 232 -3.64 12.44 -5.61
C VAL A 232 -3.37 10.95 -5.78
N GLU A 233 -2.78 10.35 -4.76
CA GLU A 233 -2.52 8.91 -4.76
C GLU A 233 -3.85 8.18 -4.75
N THR A 234 -3.88 6.99 -5.36
CA THR A 234 -5.06 6.15 -5.33
C THR A 234 -5.30 5.75 -3.89
N ARG A 235 -6.56 5.81 -3.45
CA ARG A 235 -6.87 5.55 -2.05
C ARG A 235 -7.94 4.47 -1.90
N PRO A 236 -7.80 3.63 -0.86
CA PRO A 236 -8.80 2.60 -0.58
C PRO A 236 -10.06 3.21 -0.01
N ALA A 237 -11.22 2.82 -0.52
CA ALA A 237 -12.49 3.28 0.02
C ALA A 237 -12.80 2.55 1.32
N GLY A 238 -12.17 1.40 1.50
CA GLY A 238 -12.39 0.59 2.69
C GLY A 238 -13.31 -0.59 2.44
N ASP A 239 -13.98 -0.59 1.28
CA ASP A 239 -14.93 -1.65 0.96
C ASP A 239 -14.38 -2.59 -0.13
N GLY A 240 -13.09 -2.49 -0.40
CA GLY A 240 -12.48 -3.31 -1.44
C GLY A 240 -12.28 -2.57 -2.75
N THR A 241 -12.93 -1.42 -2.90
CA THR A 241 -12.77 -0.61 -4.10
C THR A 241 -11.84 0.57 -3.83
N PHE A 242 -11.48 1.28 -4.89
CA PHE A 242 -10.52 2.37 -4.77
C PHE A 242 -11.05 3.69 -5.33
N GLN A 243 -10.36 4.78 -4.98
CA GLN A 243 -10.77 6.12 -5.37
C GLN A 243 -9.56 6.92 -5.86
N LYS A 244 -9.81 7.92 -6.70
CA LYS A 244 -8.75 8.81 -7.15
C LYS A 244 -9.34 10.04 -7.84
N TRP A 245 -8.63 11.15 -7.80
CA TRP A 245 -9.05 12.34 -8.53
C TRP A 245 -7.89 13.17 -9.11
N ALA A 246 -8.18 13.88 -10.18
CA ALA A 246 -7.22 14.76 -10.83
C ALA A 246 -7.86 16.12 -11.00
N ALA A 247 -7.12 17.17 -10.68
CA ALA A 247 -7.69 18.51 -10.71
C ALA A 247 -6.84 19.50 -11.52
N VAL A 248 -7.52 20.43 -12.18
CA VAL A 248 -6.85 21.53 -12.87
C VAL A 248 -7.46 22.86 -12.45
N VAL A 249 -6.61 23.86 -12.25
CA VAL A 249 -7.07 25.23 -12.03
C VAL A 249 -7.22 25.88 -13.39
N VAL A 250 -8.42 26.38 -13.69
CA VAL A 250 -8.71 26.93 -15.00
C VAL A 250 -9.24 28.36 -14.90
N PRO A 251 -8.98 29.17 -15.95
CA PRO A 251 -9.56 30.51 -16.02
C PRO A 251 -11.08 30.43 -16.13
N SER A 252 -11.78 31.26 -15.38
CA SER A 252 -13.24 31.26 -15.39
C SER A 252 -13.76 31.51 -16.80
N GLY A 253 -14.74 30.71 -17.23
CA GLY A 253 -15.33 30.84 -18.55
C GLY A 253 -14.63 29.99 -19.60
N GLU A 254 -13.54 29.34 -19.20
CA GLU A 254 -12.78 28.50 -20.12
C GLU A 254 -12.89 27.03 -19.76
N GLU A 255 -13.87 26.68 -18.94
CA GLU A 255 -14.04 25.30 -18.48
C GLU A 255 -14.18 24.30 -19.63
N GLN A 256 -14.83 24.73 -20.70
CA GLN A 256 -15.16 23.83 -21.80
C GLN A 256 -13.95 23.41 -22.63
N ARG A 257 -12.83 24.09 -22.43
CA ARG A 257 -11.59 23.75 -23.14
C ARG A 257 -10.95 22.49 -22.58
N TYR A 258 -11.28 22.16 -21.34
CA TYR A 258 -10.61 21.08 -20.63
C TYR A 258 -11.40 19.77 -20.64
N THR A 259 -10.69 18.66 -20.79
CA THR A 259 -11.31 17.35 -20.79
C THR A 259 -10.57 16.36 -19.89
N CYS A 260 -11.32 15.59 -19.11
CA CYS A 260 -10.73 14.55 -18.29
C CYS A 260 -10.85 13.19 -18.98
N HIS A 261 -9.74 12.45 -19.00
CA HIS A 261 -9.72 11.16 -19.65
C HIS A 261 -9.41 10.05 -18.64
N VAL A 262 -10.29 9.05 -18.60
CA VAL A 262 -10.18 7.99 -17.61
C VAL A 262 -9.93 6.65 -18.29
N GLN A 263 -8.86 5.98 -17.89
CA GLN A 263 -8.54 4.66 -18.39
C GLN A 263 -8.56 3.65 -17.24
N HIS A 264 -9.24 2.53 -17.46
CA HIS A 264 -9.34 1.49 -16.45
C HIS A 264 -9.75 0.17 -17.08
N GLU A 265 -9.26 -0.93 -16.51
CA GLU A 265 -9.51 -2.27 -17.04
C GLU A 265 -11.01 -2.61 -17.15
N GLY A 266 -11.81 -2.04 -16.27
CA GLY A 266 -13.23 -2.34 -16.24
C GLY A 266 -14.04 -1.57 -17.27
N LEU A 267 -13.38 -0.66 -17.98
CA LEU A 267 -14.04 0.17 -18.98
C LEU A 267 -13.86 -0.39 -20.40
N PRO A 268 -14.99 -0.56 -21.11
CA PRO A 268 -14.94 -0.96 -22.53
C PRO A 268 -14.12 0.03 -23.36
N LYS A 269 -14.39 1.33 -23.17
CA LYS A 269 -13.60 2.38 -23.82
C LYS A 269 -13.24 3.46 -22.80
N PRO A 270 -12.10 4.13 -23.01
CA PRO A 270 -11.70 5.23 -22.12
C PRO A 270 -12.78 6.30 -22.08
N LEU A 271 -13.06 6.83 -20.89
CA LEU A 271 -14.08 7.85 -20.74
C LEU A 271 -13.51 9.25 -20.91
N THR A 272 -14.36 10.17 -21.34
CA THR A 272 -14.00 11.58 -21.42
C THR A 272 -15.04 12.41 -20.68
N LEU A 273 -14.58 13.31 -19.83
CA LEU A 273 -15.49 14.16 -19.08
C LEU A 273 -15.23 15.63 -19.38
N ARG A 274 -16.30 16.38 -19.63
CA ARG A 274 -16.18 17.80 -19.91
C ARG A 274 -17.26 18.58 -19.17
N TRP A 275 -16.83 19.54 -18.34
CA TRP A 275 -17.77 20.38 -17.62
C TRP A 275 -18.44 21.38 -18.56
N MET B 1 20.19 8.85 6.60
CA MET B 1 18.83 8.46 6.23
C MET B 1 18.14 9.50 5.35
N ILE B 2 16.98 9.13 4.83
CA ILE B 2 16.13 10.04 4.08
C ILE B 2 14.68 9.82 4.50
N GLN B 3 14.05 10.88 4.98
CA GLN B 3 12.69 10.80 5.50
C GLN B 3 11.70 11.34 4.49
N ARG B 4 10.48 10.78 4.51
CA ARG B 4 9.44 11.22 3.60
C ARG B 4 8.18 11.59 4.36
N THR B 5 7.64 12.77 4.07
CA THR B 5 6.45 13.26 4.75
C THR B 5 5.22 12.54 4.24
N PRO B 6 4.31 12.17 5.17
CA PRO B 6 3.07 11.51 4.76
C PRO B 6 2.23 12.40 3.85
N LYS B 7 1.50 11.79 2.93
CA LYS B 7 0.50 12.50 2.15
C LYS B 7 -0.86 12.16 2.73
N ILE B 8 -1.61 13.19 3.11
CA ILE B 8 -2.82 12.99 3.90
C ILE B 8 -4.09 13.26 3.11
N GLN B 9 -5.00 12.30 3.14
CA GLN B 9 -6.31 12.47 2.53
C GLN B 9 -7.39 12.07 3.51
N VAL B 10 -8.30 12.98 3.79
CA VAL B 10 -9.45 12.67 4.62
C VAL B 10 -10.71 12.73 3.76
N TYR B 11 -11.53 11.70 3.86
CA TYR B 11 -12.65 11.55 2.93
C TYR B 11 -13.62 10.50 3.42
N SER B 12 -14.87 10.59 2.98
CA SER B 12 -15.87 9.59 3.29
C SER B 12 -15.83 8.49 2.24
N ARG B 13 -16.16 7.27 2.65
CA ARG B 13 -16.19 6.15 1.71
C ARG B 13 -17.10 6.49 0.54
N HIS B 14 -18.31 6.92 0.86
CA HIS B 14 -19.27 7.31 -0.15
C HIS B 14 -19.49 8.82 -0.11
N PRO B 15 -19.99 9.41 -1.20
CA PRO B 15 -20.32 10.83 -1.18
C PRO B 15 -21.23 11.11 0.01
N ALA B 16 -20.78 12.00 0.90
CA ALA B 16 -21.49 12.25 2.15
C ALA B 16 -22.84 12.93 1.96
N GLU B 17 -23.84 12.44 2.68
CA GLU B 17 -25.11 13.14 2.79
C GLU B 17 -25.68 13.02 4.19
N ASN B 18 -25.94 14.16 4.81
CA ASN B 18 -26.42 14.21 6.19
C ASN B 18 -27.47 13.16 6.52
N GLY B 19 -27.36 12.58 7.71
CA GLY B 19 -28.33 11.61 8.18
C GLY B 19 -28.05 10.19 7.72
N LYS B 20 -27.32 10.05 6.61
CA LYS B 20 -27.01 8.73 6.08
C LYS B 20 -25.67 8.19 6.60
N SER B 21 -25.71 6.97 7.13
CA SER B 21 -24.53 6.33 7.70
C SER B 21 -23.43 6.19 6.65
N ASN B 22 -22.18 6.23 7.12
CA ASN B 22 -21.04 6.26 6.23
C ASN B 22 -19.77 5.82 6.96
N PHE B 23 -18.64 5.94 6.30
CA PHE B 23 -17.34 5.67 6.91
C PHE B 23 -16.42 6.86 6.71
N LEU B 24 -15.72 7.25 7.77
CA LEU B 24 -14.75 8.33 7.69
C LEU B 24 -13.35 7.76 7.52
N ASN B 25 -12.67 8.16 6.44
CA ASN B 25 -11.34 7.64 6.15
C ASN B 25 -10.24 8.70 6.24
N CYS B 26 -9.12 8.32 6.83
CA CYS B 26 -7.89 9.08 6.71
C CYS B 26 -6.80 8.15 6.19
N TYR B 27 -6.30 8.45 5.00
CA TYR B 27 -5.33 7.61 4.32
C TYR B 27 -4.00 8.33 4.23
N VAL B 28 -2.99 7.80 4.92
CA VAL B 28 -1.65 8.36 4.88
C VAL B 28 -0.73 7.45 4.07
N SER B 29 -0.02 8.05 3.11
CA SER B 29 0.87 7.27 2.24
C SER B 29 2.16 8.00 1.94
N GLY B 30 3.11 7.29 1.36
CA GLY B 30 4.37 7.87 0.91
C GLY B 30 5.28 8.37 2.03
N PHE B 31 5.12 7.84 3.22
CA PHE B 31 5.93 8.31 4.35
C PHE B 31 6.98 7.31 4.84
N HIS B 32 7.98 7.84 5.54
CA HIS B 32 9.02 7.04 6.17
C HIS B 32 9.75 7.90 7.19
N PRO B 33 10.04 7.34 8.38
CA PRO B 33 9.81 5.96 8.81
C PRO B 33 8.33 5.61 8.96
N SER B 34 8.07 4.38 9.36
CA SER B 34 6.71 3.86 9.43
C SER B 34 5.95 4.29 10.68
N ASP B 35 6.68 4.52 11.78
CA ASP B 35 5.97 4.85 13.02
C ASP B 35 5.29 6.21 12.90
N ILE B 36 3.98 6.21 13.18
CA ILE B 36 3.14 7.35 12.88
C ILE B 36 1.88 7.26 13.73
N GLU B 37 1.33 8.41 14.11
CA GLU B 37 0.06 8.45 14.81
C GLU B 37 -0.98 9.14 13.95
N VAL B 38 -2.15 8.52 13.84
CA VAL B 38 -3.25 9.11 13.09
C VAL B 38 -4.54 9.03 13.90
N ASP B 39 -5.16 10.17 14.13
CA ASP B 39 -6.41 10.23 14.86
C ASP B 39 -7.47 10.98 14.07
N LEU B 40 -8.71 10.56 14.20
CA LEU B 40 -9.83 11.28 13.62
C LEU B 40 -10.44 12.17 14.70
N LEU B 41 -10.82 13.39 14.31
CA LEU B 41 -11.36 14.36 15.25
C LEU B 41 -12.77 14.78 14.86
N LYS B 42 -13.67 14.76 15.83
CA LYS B 42 -15.02 15.26 15.65
C LYS B 42 -15.20 16.55 16.45
N ASN B 43 -15.31 17.66 15.73
CA ASN B 43 -15.38 18.98 16.35
C ASN B 43 -14.22 19.21 17.30
N GLY B 44 -13.03 18.75 16.92
CA GLY B 44 -11.83 19.00 17.68
C GLY B 44 -11.46 17.92 18.67
N GLU B 45 -12.42 17.04 18.99
CA GLU B 45 -12.21 15.98 19.97
C GLU B 45 -11.86 14.66 19.31
N ARG B 46 -10.91 13.94 19.90
CA ARG B 46 -10.46 12.67 19.36
C ARG B 46 -11.55 11.59 19.45
N ILE B 47 -11.83 10.93 18.33
CA ILE B 47 -12.78 9.83 18.31
C ILE B 47 -12.10 8.59 18.89
N GLU B 48 -12.75 7.96 19.86
CA GLU B 48 -12.12 6.89 20.63
C GLU B 48 -11.95 5.58 19.85
N LYS B 49 -12.99 5.17 19.13
CA LYS B 49 -12.92 3.91 18.41
C LYS B 49 -12.63 4.08 16.93
N VAL B 50 -11.34 4.10 16.60
CA VAL B 50 -10.88 4.24 15.24
C VAL B 50 -10.03 3.04 14.87
N GLU B 51 -10.36 2.40 13.76
CA GLU B 51 -9.61 1.24 13.29
C GLU B 51 -8.64 1.63 12.18
N HIS B 52 -7.63 0.80 11.96
CA HIS B 52 -6.67 1.03 10.91
C HIS B 52 -6.24 -0.27 10.25
N SER B 53 -5.75 -0.17 9.02
CA SER B 53 -5.29 -1.33 8.27
C SER B 53 -3.92 -1.78 8.77
N ASP B 54 -3.46 -2.93 8.26
CA ASP B 54 -2.15 -3.46 8.61
C ASP B 54 -1.05 -2.75 7.81
N LEU B 55 0.05 -2.42 8.48
CA LEU B 55 1.14 -1.70 7.83
C LEU B 55 1.57 -2.39 6.54
N SER B 56 1.66 -1.60 5.47
CA SER B 56 2.08 -2.10 4.17
C SER B 56 2.79 -0.97 3.44
N PHE B 57 3.46 -1.29 2.33
CA PHE B 57 4.21 -0.27 1.60
C PHE B 57 4.09 -0.44 0.08
N SER B 58 4.50 0.59 -0.65
CA SER B 58 4.42 0.60 -2.11
C SER B 58 5.74 0.14 -2.74
N LYS B 59 5.81 0.24 -4.06
CA LYS B 59 6.98 -0.24 -4.81
C LYS B 59 8.24 0.53 -4.42
N ASP B 60 8.09 1.82 -4.15
CA ASP B 60 9.22 2.67 -3.77
C ASP B 60 9.56 2.52 -2.29
N TRP B 61 8.96 1.53 -1.64
CA TRP B 61 9.22 1.22 -0.23
C TRP B 61 8.49 2.12 0.76
N SER B 62 7.79 3.15 0.27
CA SER B 62 7.13 4.08 1.16
C SER B 62 5.85 3.47 1.74
N PHE B 63 5.62 3.71 3.03
CA PHE B 63 4.51 3.08 3.74
C PHE B 63 3.18 3.75 3.45
N TYR B 64 2.09 2.99 3.66
CA TYR B 64 0.75 3.55 3.60
C TYR B 64 -0.15 2.91 4.64
N LEU B 65 -1.14 3.66 5.10
CA LEU B 65 -1.98 3.23 6.21
C LEU B 65 -3.35 3.87 6.09
N LEU B 66 -4.40 3.08 6.34
CA LEU B 66 -5.76 3.61 6.33
C LEU B 66 -6.37 3.58 7.72
N TYR B 67 -6.84 4.73 8.19
CA TYR B 67 -7.59 4.80 9.42
C TYR B 67 -9.05 5.12 9.09
N TYR B 68 -9.97 4.50 9.80
CA TYR B 68 -11.37 4.65 9.47
C TYR B 68 -12.28 4.41 10.66
N THR B 69 -13.49 4.94 10.58
CA THR B 69 -14.52 4.74 11.59
C THR B 69 -15.89 4.97 10.97
N GLU B 70 -16.89 4.24 11.46
CA GLU B 70 -18.26 4.47 11.02
C GLU B 70 -18.76 5.78 11.60
N PHE B 71 -19.53 6.52 10.81
CA PHE B 71 -20.07 7.80 11.29
C PHE B 71 -21.25 8.25 10.44
N THR B 72 -22.05 9.14 11.02
CA THR B 72 -23.21 9.67 10.31
C THR B 72 -23.11 11.20 10.22
N PRO B 73 -22.77 11.69 9.02
CA PRO B 73 -22.52 13.11 8.77
C PRO B 73 -23.73 13.98 9.06
N THR B 74 -23.49 15.14 9.66
CA THR B 74 -24.53 16.15 9.84
C THR B 74 -24.03 17.46 9.27
N GLU B 75 -24.94 18.41 9.06
CA GLU B 75 -24.55 19.71 8.53
C GLU B 75 -23.58 20.44 9.46
N LYS B 76 -23.80 20.28 10.76
CA LYS B 76 -23.04 21.03 11.77
C LYS B 76 -21.70 20.38 12.12
N ASP B 77 -21.69 19.06 12.22
CA ASP B 77 -20.50 18.33 12.64
C ASP B 77 -19.31 18.54 11.71
N GLU B 78 -18.17 18.90 12.30
CA GLU B 78 -16.94 19.04 11.53
C GLU B 78 -15.95 17.94 11.89
N TYR B 79 -15.22 17.48 10.88
CA TYR B 79 -14.26 16.39 11.06
C TYR B 79 -12.90 16.75 10.51
N ALA B 80 -11.87 16.11 11.06
CA ALA B 80 -10.51 16.34 10.61
C ALA B 80 -9.63 15.16 10.98
N CYS B 81 -8.47 15.06 10.33
CA CYS B 81 -7.51 14.02 10.64
C CYS B 81 -6.22 14.64 11.15
N ARG B 82 -5.78 14.20 12.32
CA ARG B 82 -4.54 14.70 12.90
C ARG B 82 -3.43 13.67 12.71
N VAL B 83 -2.43 14.03 11.91
CA VAL B 83 -1.32 13.14 11.63
C VAL B 83 -0.06 13.60 12.35
N ASN B 84 0.50 12.68 13.13
CA ASN B 84 1.72 12.96 13.89
C ASN B 84 2.87 12.12 13.35
N HIS B 85 3.90 12.80 12.85
CA HIS B 85 5.04 12.11 12.23
C HIS B 85 6.32 12.89 12.47
N VAL B 86 7.46 12.20 12.44
CA VAL B 86 8.74 12.83 12.71
C VAL B 86 9.11 13.93 11.70
N THR B 87 8.55 13.84 10.49
CA THR B 87 8.82 14.85 9.45
C THR B 87 7.94 16.08 9.61
N LEU B 88 7.12 16.10 10.66
CA LEU B 88 6.22 17.22 10.89
C LEU B 88 6.54 17.90 12.22
N SER B 89 6.97 19.16 12.15
CA SER B 89 7.34 19.91 13.34
C SER B 89 6.21 19.94 14.35
N GLN B 90 4.98 20.04 13.85
CA GLN B 90 3.79 19.89 14.68
C GLN B 90 2.81 19.01 13.92
N PRO B 91 1.96 18.28 14.66
CA PRO B 91 0.98 17.41 14.00
C PRO B 91 0.19 18.16 12.92
N LYS B 92 0.13 17.57 11.72
CA LYS B 92 -0.64 18.14 10.63
C LYS B 92 -2.12 17.81 10.82
N ILE B 93 -2.95 18.84 10.86
CA ILE B 93 -4.39 18.63 10.99
C ILE B 93 -5.08 19.02 9.69
N VAL B 94 -5.59 18.01 8.99
CA VAL B 94 -6.27 18.24 7.72
C VAL B 94 -7.79 18.10 7.89
N LYS B 95 -8.52 19.16 7.56
CA LYS B 95 -9.97 19.16 7.71
C LYS B 95 -10.64 18.36 6.60
N TRP B 96 -11.78 17.77 6.92
CA TRP B 96 -12.56 17.02 5.94
C TRP B 96 -13.40 17.96 5.07
N ASP B 97 -13.11 17.96 3.77
CA ASP B 97 -13.83 18.79 2.81
C ASP B 97 -14.81 17.94 2.02
N ARG B 98 -16.04 17.84 2.51
CA ARG B 98 -16.99 16.85 2.02
C ARG B 98 -17.38 16.97 0.55
N ASP B 99 -17.18 18.15 -0.03
CA ASP B 99 -17.66 18.39 -1.40
C ASP B 99 -16.57 18.77 -2.39
N MET B 100 -15.36 18.23 -2.21
CA MET B 100 -14.25 18.57 -3.09
C MET B 100 -14.09 17.57 -4.22
N ARG C 1 1.51 -18.50 -0.15
CA ARG C 1 2.34 -19.26 0.78
C ARG C 1 3.64 -18.53 1.08
N TYR C 2 3.82 -18.16 2.35
CA TYR C 2 4.99 -17.41 2.79
C TYR C 2 6.27 -18.14 2.40
N PRO C 3 7.27 -17.39 1.92
CA PRO C 3 8.54 -17.98 1.45
C PRO C 3 9.33 -18.66 2.57
N LEU C 4 10.25 -19.55 2.19
CA LEU C 4 11.18 -20.13 3.14
C LEU C 4 12.36 -19.18 3.28
N THR C 5 12.53 -18.63 4.48
CA THR C 5 13.45 -17.52 4.69
C THR C 5 14.67 -17.84 5.53
N PHE C 6 14.90 -19.13 5.78
CA PHE C 6 16.01 -19.57 6.62
C PHE C 6 17.37 -19.03 6.16
N GLY C 7 17.65 -19.11 4.86
CA GLY C 7 18.94 -18.72 4.33
C GLY C 7 19.07 -17.25 4.00
N TRP C 8 18.11 -16.45 4.45
CA TRP C 8 18.11 -15.02 4.15
C TRP C 8 18.95 -14.25 5.17
N CYS C 9 19.95 -14.92 5.74
CA CYS C 9 20.89 -14.27 6.65
C CYS C 9 21.82 -13.31 5.90
N PHE C 10 21.90 -12.07 6.39
CA PHE C 10 22.69 -11.03 5.76
C PHE C 10 24.20 -11.26 5.84
#